data_1XKN
#
_entry.id   1XKN
#
_cell.length_a   49.118
_cell.length_b   82.372
_cell.length_c   85.719
_cell.angle_alpha   90.00
_cell.angle_beta   90.00
_cell.angle_gamma   90.00
#
_symmetry.space_group_name_H-M   'P 21 21 21'
#
loop_
_entity.id
_entity.type
_entity.pdbx_description
1 polymer 'putative peptidyl-arginine deiminase'
2 non-polymer 'SODIUM ION'
3 non-polymer 'CHLORIDE ION'
4 water water
#
_entity_poly.entity_id   1
_entity_poly.type   'polypeptide(L)'
_entity_poly.pdbx_seq_one_letter_code
;MSEPTYF(MSE)PPEWAPHASTWLSWPHKLESWPGKFEPVPAVFAELAYQLSRSETVNINVLDDA(MSE)EAQARELLKE
RDPEGKYAERIVFHRIPTNDAWCRDHGPNYVIRTQDGRRDKVI(MSE)NWEYNAWGGKYEPYDDDNAVPERVAKAQGLP
(MSE)VSTG(MSE)VLEGGAIDVNGAGLLLTTTACLLNPNRNPSLGKAEIEAQLRRYLGIEKVLWLGDGIAGDDTDGHVD
D(MSE)ARFVNENTVVIAVEEDPEDENYKPLRENYELLKT(MSE)TGLDGKPLNIVKLP(MSE)PEPVYYDGERLPASYA
NFYIANTVVLVPTYRCPRDQQAIDILQQCFPKREVVGIDCSDLIWGLGAIHCVTHEEPA(MSE)LEHHHHHH
;
_entity_poly.pdbx_strand_id   A
#
loop_
_chem_comp.id
_chem_comp.type
_chem_comp.name
_chem_comp.formula
CL non-polymer 'CHLORIDE ION' 'Cl -1'
NA non-polymer 'SODIUM ION' 'Na 1'
#
# COMPACT_ATOMS: atom_id res chain seq x y z
N SER A 2 12.41 -26.43 13.22
CA SER A 2 13.21 -25.57 14.13
C SER A 2 12.76 -24.11 14.02
N GLU A 3 13.24 -23.42 12.98
CA GLU A 3 12.88 -22.02 12.76
C GLU A 3 11.89 -21.95 11.60
N PRO A 4 10.75 -21.26 11.78
CA PRO A 4 9.77 -21.17 10.69
C PRO A 4 10.21 -20.27 9.54
N THR A 5 9.57 -20.44 8.39
CA THR A 5 9.87 -19.59 7.25
C THR A 5 8.56 -18.89 6.92
N TYR A 6 8.66 -17.74 6.28
CA TYR A 6 7.48 -16.98 5.92
C TYR A 6 7.44 -16.66 4.44
N PHE A 7 6.25 -16.35 3.95
CA PHE A 7 6.05 -16.00 2.55
C PHE A 7 5.04 -14.87 2.52
N MSE A 8 5.39 -13.79 1.81
CA MSE A 8 4.49 -12.67 1.66
C MSE A 8 3.95 -12.69 0.25
O MSE A 8 4.69 -12.46 -0.72
CB MSE A 8 5.21 -11.34 1.90
CG MSE A 8 4.24 -10.17 1.95
SE MSE A 8 5.10 -8.44 2.11
CE MSE A 8 3.81 -7.33 1.21
N PRO A 9 2.65 -12.98 0.09
CA PRO A 9 2.06 -13.02 -1.24
C PRO A 9 2.13 -11.66 -1.93
N PRO A 10 2.23 -11.66 -3.26
CA PRO A 10 2.29 -10.38 -3.97
C PRO A 10 0.89 -9.77 -3.92
N GLU A 11 0.79 -8.47 -4.18
CA GLU A 11 -0.49 -7.79 -4.13
C GLU A 11 -1.51 -8.31 -5.14
N TRP A 12 -1.04 -8.89 -6.24
CA TRP A 12 -1.95 -9.41 -7.25
C TRP A 12 -2.43 -10.83 -6.98
N ALA A 13 -1.97 -11.45 -5.89
CA ALA A 13 -2.41 -12.79 -5.54
C ALA A 13 -3.85 -12.67 -5.06
N PRO A 14 -4.63 -13.76 -5.12
CA PRO A 14 -6.03 -13.74 -4.67
C PRO A 14 -6.22 -13.18 -3.26
N HIS A 15 -7.20 -12.32 -3.09
CA HIS A 15 -7.49 -11.72 -1.79
C HIS A 15 -8.72 -12.28 -1.12
N ALA A 16 -8.67 -12.35 0.21
CA ALA A 16 -9.82 -12.79 1.00
C ALA A 16 -10.60 -11.51 1.22
N SER A 17 -9.89 -10.39 1.35
CA SER A 17 -10.50 -9.09 1.57
C SER A 17 -9.48 -7.97 1.40
N THR A 18 -9.95 -6.74 1.59
CA THR A 18 -9.09 -5.56 1.56
C THR A 18 -9.47 -4.81 2.83
N TRP A 19 -8.46 -4.31 3.54
CA TRP A 19 -8.69 -3.56 4.76
C TRP A 19 -8.54 -2.06 4.57
N LEU A 20 -9.34 -1.31 5.32
CA LEU A 20 -9.34 0.14 5.31
C LEU A 20 -9.52 0.64 6.73
N SER A 21 -9.04 1.84 6.99
CA SER A 21 -9.18 2.48 8.29
C SER A 21 -9.93 3.77 7.97
N TRP A 22 -11.23 3.79 8.27
CA TRP A 22 -12.07 4.95 7.99
C TRP A 22 -11.45 6.23 8.52
N PRO A 23 -11.45 7.31 7.71
CA PRO A 23 -10.87 8.60 8.09
C PRO A 23 -11.62 9.37 9.17
N HIS A 24 -10.86 10.05 10.03
CA HIS A 24 -11.45 10.86 11.09
C HIS A 24 -10.46 11.89 11.61
N LYS A 25 -9.18 11.71 11.31
CA LYS A 25 -8.16 12.64 11.77
C LYS A 25 -8.16 13.92 10.94
N LEU A 26 -8.82 14.95 11.45
CA LEU A 26 -8.91 16.24 10.77
C LEU A 26 -7.53 16.81 10.44
N GLU A 27 -6.56 16.53 11.31
CA GLU A 27 -5.18 17.00 11.14
C GLU A 27 -4.48 16.43 9.92
N SER A 28 -5.00 15.33 9.39
CA SER A 28 -4.39 14.70 8.22
C SER A 28 -4.71 15.50 6.97
N TRP A 29 -5.87 16.15 6.96
CA TRP A 29 -6.31 16.96 5.83
C TRP A 29 -6.70 18.33 6.40
N PRO A 30 -5.73 19.05 6.99
CA PRO A 30 -5.98 20.36 7.58
C PRO A 30 -6.71 21.38 6.71
N GLY A 31 -7.91 21.76 7.15
CA GLY A 31 -8.69 22.75 6.42
C GLY A 31 -9.49 22.24 5.24
N LYS A 32 -9.46 20.94 4.98
CA LYS A 32 -10.21 20.38 3.87
C LYS A 32 -10.51 18.90 4.10
N PHE A 33 -11.16 18.60 5.20
CA PHE A 33 -11.49 17.22 5.53
C PHE A 33 -12.85 16.78 4.98
N GLU A 34 -13.78 17.72 4.86
CA GLU A 34 -15.12 17.40 4.38
C GLU A 34 -15.25 16.47 3.17
N PRO A 35 -14.43 16.68 2.12
CA PRO A 35 -14.50 15.82 0.93
C PRO A 35 -13.94 14.41 1.11
N VAL A 36 -13.07 14.24 2.10
CA VAL A 36 -12.40 12.96 2.34
C VAL A 36 -13.28 11.72 2.55
N PRO A 37 -14.25 11.78 3.47
CA PRO A 37 -15.11 10.62 3.70
C PRO A 37 -15.76 10.07 2.44
N ALA A 38 -16.19 10.96 1.54
CA ALA A 38 -16.82 10.53 0.30
C ALA A 38 -15.85 9.75 -0.57
N VAL A 39 -14.58 10.11 -0.53
CA VAL A 39 -13.57 9.40 -1.33
C VAL A 39 -13.42 7.99 -0.81
N PHE A 40 -13.43 7.83 0.51
CA PHE A 40 -13.32 6.50 1.09
C PHE A 40 -14.55 5.67 0.76
N ALA A 41 -15.71 6.33 0.67
CA ALA A 41 -16.95 5.63 0.33
C ALA A 41 -16.85 5.12 -1.10
N GLU A 42 -16.29 5.95 -1.98
CA GLU A 42 -16.13 5.56 -3.38
C GLU A 42 -15.17 4.37 -3.48
N LEU A 43 -14.07 4.45 -2.72
CA LEU A 43 -13.08 3.39 -2.69
C LEU A 43 -13.67 2.10 -2.15
N ALA A 44 -14.38 2.20 -1.04
CA ALA A 44 -15.00 1.02 -0.43
C ALA A 44 -16.00 0.39 -1.40
N TYR A 45 -16.76 1.23 -2.10
CA TYR A 45 -17.73 0.73 -3.05
C TYR A 45 -17.04 -0.04 -4.17
N GLN A 46 -16.04 0.57 -4.79
CA GLN A 46 -15.32 -0.11 -5.87
C GLN A 46 -14.74 -1.43 -5.36
N LEU A 47 -14.18 -1.43 -4.16
CA LEU A 47 -13.61 -2.64 -3.60
C LEU A 47 -14.68 -3.70 -3.35
N SER A 48 -15.87 -3.27 -2.92
CA SER A 48 -16.95 -4.21 -2.63
C SER A 48 -17.45 -4.93 -3.89
N ARG A 49 -17.11 -4.40 -5.05
CA ARG A 49 -17.53 -5.02 -6.30
C ARG A 49 -16.65 -6.24 -6.55
N SER A 50 -15.47 -6.23 -5.95
CA SER A 50 -14.47 -7.27 -6.12
C SER A 50 -14.33 -8.29 -5.00
N GLU A 51 -14.39 -7.82 -3.77
CA GLU A 51 -14.20 -8.71 -2.63
C GLU A 51 -14.72 -8.11 -1.34
N THR A 52 -14.51 -8.83 -0.25
CA THR A 52 -14.92 -8.38 1.08
C THR A 52 -14.09 -7.16 1.45
N VAL A 53 -14.72 -6.21 2.12
CA VAL A 53 -14.05 -4.99 2.56
C VAL A 53 -14.19 -4.89 4.08
N ASN A 54 -13.06 -4.93 4.77
CA ASN A 54 -13.04 -4.84 6.22
C ASN A 54 -12.65 -3.42 6.58
N ILE A 55 -13.52 -2.72 7.30
CA ILE A 55 -13.27 -1.32 7.65
C ILE A 55 -13.16 -1.09 9.15
N ASN A 56 -12.07 -0.43 9.56
CA ASN A 56 -11.86 -0.12 10.96
C ASN A 56 -12.53 1.22 11.29
N VAL A 57 -13.36 1.22 12.34
CA VAL A 57 -14.04 2.42 12.79
C VAL A 57 -13.87 2.50 14.31
N LEU A 58 -13.99 3.71 14.85
CA LEU A 58 -13.82 3.93 16.29
C LEU A 58 -15.05 3.62 17.12
N ASP A 59 -16.22 3.83 16.54
CA ASP A 59 -17.47 3.62 17.27
C ASP A 59 -18.65 3.44 16.33
N ASP A 60 -19.82 3.20 16.91
CA ASP A 60 -21.04 2.99 16.13
C ASP A 60 -21.41 4.21 15.30
N ALA A 61 -21.17 5.40 15.83
CA ALA A 61 -21.50 6.63 15.12
C ALA A 61 -20.73 6.69 13.80
N MSE A 62 -19.45 6.34 13.84
CA MSE A 62 -18.62 6.36 12.63
C MSE A 62 -19.13 5.36 11.61
O MSE A 62 -19.19 5.66 10.42
CB MSE A 62 -17.16 6.07 12.99
CG MSE A 62 -16.20 6.31 11.82
SE MSE A 62 -14.35 6.30 12.39
CE MSE A 62 -14.40 7.85 13.55
N GLU A 63 -19.50 4.17 12.07
CA GLU A 63 -20.02 3.14 11.17
C GLU A 63 -21.25 3.66 10.44
N ALA A 64 -22.14 4.33 11.17
CA ALA A 64 -23.36 4.87 10.59
C ALA A 64 -23.04 5.89 9.50
N GLN A 65 -22.08 6.77 9.78
CA GLN A 65 -21.69 7.79 8.81
C GLN A 65 -21.18 7.12 7.54
N ALA A 66 -20.36 6.09 7.72
CA ALA A 66 -19.81 5.37 6.58
C ALA A 66 -20.92 4.70 5.78
N ARG A 67 -21.84 4.04 6.48
CA ARG A 67 -22.94 3.37 5.80
C ARG A 67 -23.79 4.35 5.00
N GLU A 68 -23.96 5.56 5.53
CA GLU A 68 -24.77 6.55 4.81
C GLU A 68 -24.10 6.94 3.50
N LEU A 69 -22.80 7.25 3.57
CA LEU A 69 -22.05 7.63 2.37
C LEU A 69 -22.02 6.49 1.37
N LEU A 70 -21.93 5.26 1.87
CA LEU A 70 -21.89 4.09 1.00
C LEU A 70 -23.24 3.91 0.32
N LYS A 71 -24.31 4.35 0.98
CA LYS A 71 -25.64 4.21 0.42
C LYS A 71 -25.80 5.11 -0.82
N GLU A 72 -25.00 6.17 -0.89
CA GLU A 72 -25.06 7.08 -2.04
C GLU A 72 -24.36 6.42 -3.23
N ARG A 73 -23.43 5.53 -2.94
CA ARG A 73 -22.68 4.83 -3.98
C ARG A 73 -23.41 3.55 -4.35
N ASP A 74 -24.08 2.95 -3.37
CA ASP A 74 -24.81 1.70 -3.55
C ASP A 74 -26.18 1.84 -2.89
N PRO A 75 -27.09 2.60 -3.53
CA PRO A 75 -28.45 2.84 -3.02
C PRO A 75 -29.25 1.59 -2.65
N GLU A 76 -29.07 0.51 -3.39
CA GLU A 76 -29.80 -0.72 -3.12
C GLU A 76 -29.02 -1.69 -2.23
N GLY A 77 -27.78 -1.35 -1.93
CA GLY A 77 -26.97 -2.21 -1.08
C GLY A 77 -26.65 -3.55 -1.73
N LYS A 78 -26.42 -3.53 -3.04
CA LYS A 78 -26.10 -4.74 -3.78
C LYS A 78 -24.92 -5.49 -3.18
N TYR A 79 -23.91 -4.75 -2.74
CA TYR A 79 -22.70 -5.36 -2.18
C TYR A 79 -22.54 -5.06 -0.68
N ALA A 80 -23.61 -4.60 -0.06
CA ALA A 80 -23.58 -4.25 1.36
C ALA A 80 -23.07 -5.36 2.28
N GLU A 81 -23.44 -6.60 2.00
CA GLU A 81 -23.00 -7.73 2.83
C GLU A 81 -21.48 -7.92 2.81
N ARG A 82 -20.84 -7.41 1.76
CA ARG A 82 -19.40 -7.54 1.61
C ARG A 82 -18.60 -6.54 2.42
N ILE A 83 -19.26 -5.49 2.91
CA ILE A 83 -18.57 -4.49 3.70
C ILE A 83 -18.80 -4.76 5.19
N VAL A 84 -17.74 -5.22 5.85
CA VAL A 84 -17.79 -5.56 7.27
C VAL A 84 -17.02 -4.55 8.12
N PHE A 85 -17.69 -4.01 9.13
CA PHE A 85 -17.08 -3.04 10.03
C PHE A 85 -16.51 -3.68 11.28
N HIS A 86 -15.39 -3.14 11.75
CA HIS A 86 -14.74 -3.62 12.94
C HIS A 86 -14.45 -2.47 13.86
N ARG A 87 -14.80 -2.61 15.14
CA ARG A 87 -14.54 -1.57 16.11
C ARG A 87 -13.07 -1.72 16.51
N ILE A 88 -12.22 -1.04 15.76
CA ILE A 88 -10.78 -1.06 15.99
C ILE A 88 -10.28 0.37 15.90
N PRO A 89 -9.79 0.92 17.03
CA PRO A 89 -9.30 2.30 17.05
C PRO A 89 -8.09 2.55 16.14
N THR A 90 -8.07 3.73 15.54
CA THR A 90 -6.98 4.12 14.67
C THR A 90 -6.70 5.59 14.91
N ASN A 91 -5.48 6.01 14.61
CA ASN A 91 -5.10 7.42 14.76
C ASN A 91 -5.18 8.08 13.39
N ASP A 92 -4.73 7.35 12.36
CA ASP A 92 -4.77 7.84 10.99
C ASP A 92 -5.39 6.80 10.07
N ALA A 93 -5.56 7.14 8.79
CA ALA A 93 -6.17 6.23 7.83
C ALA A 93 -5.19 5.47 6.93
N TRP A 94 -3.90 5.56 7.22
CA TRP A 94 -2.88 4.92 6.40
C TRP A 94 -2.71 3.43 6.70
N CYS A 95 -3.77 2.68 6.38
CA CYS A 95 -3.81 1.25 6.61
C CYS A 95 -2.68 0.49 5.92
N ARG A 96 -2.16 1.04 4.82
CA ARG A 96 -1.06 0.40 4.11
C ARG A 96 0.17 0.33 5.00
N ASP A 97 0.41 1.41 5.74
CA ASP A 97 1.59 1.51 6.59
C ASP A 97 1.47 0.94 8.01
N HIS A 98 0.30 1.06 8.63
CA HIS A 98 0.11 0.55 9.99
C HIS A 98 -0.71 -0.74 10.00
N GLY A 99 -1.31 -1.06 8.85
CA GLY A 99 -2.16 -2.22 8.70
C GLY A 99 -1.56 -3.61 8.78
N PRO A 100 -2.41 -4.65 8.76
CA PRO A 100 -1.99 -6.05 8.84
C PRO A 100 -1.19 -6.61 7.66
N ASN A 101 0.08 -6.88 7.93
CA ASN A 101 1.00 -7.43 6.94
C ASN A 101 0.88 -8.96 7.02
N TYR A 102 -0.10 -9.49 6.32
CA TYR A 102 -0.34 -10.93 6.28
C TYR A 102 0.78 -11.67 5.57
N VAL A 103 1.18 -12.80 6.14
CA VAL A 103 2.22 -13.65 5.55
C VAL A 103 1.81 -15.09 5.84
N ILE A 104 2.32 -16.02 5.04
CA ILE A 104 2.03 -17.43 5.24
C ILE A 104 3.21 -18.04 5.97
N ARG A 105 2.95 -18.67 7.11
CA ARG A 105 3.99 -19.28 7.91
C ARG A 105 4.08 -20.77 7.66
N THR A 106 5.31 -21.26 7.47
CA THR A 106 5.53 -22.68 7.25
C THR A 106 6.46 -23.19 8.34
N GLN A 107 6.04 -24.24 9.03
CA GLN A 107 6.84 -24.82 10.09
C GLN A 107 6.40 -26.26 10.33
N ASP A 108 7.36 -27.17 10.34
CA ASP A 108 7.09 -28.59 10.57
C ASP A 108 6.06 -29.14 9.59
N GLY A 109 6.13 -28.70 8.34
CA GLY A 109 5.22 -29.17 7.33
C GLY A 109 3.81 -28.59 7.37
N ARG A 110 3.56 -27.67 8.29
CA ARG A 110 2.24 -27.09 8.37
C ARG A 110 2.25 -25.62 7.96
N ARG A 111 1.19 -25.20 7.26
CA ARG A 111 1.08 -23.84 6.78
C ARG A 111 -0.12 -23.12 7.38
N ASP A 112 0.06 -21.88 7.81
CA ASP A 112 -1.05 -21.10 8.34
C ASP A 112 -0.85 -19.62 8.08
N LYS A 113 -1.95 -18.89 8.06
CA LYS A 113 -1.87 -17.45 7.83
C LYS A 113 -1.68 -16.74 9.15
N VAL A 114 -0.71 -15.83 9.19
CA VAL A 114 -0.43 -15.08 10.41
C VAL A 114 -0.23 -13.64 10.03
N ILE A 115 -0.23 -12.76 11.02
CA ILE A 115 -0.01 -11.34 10.77
C ILE A 115 1.37 -10.99 11.29
N MSE A 116 2.20 -10.44 10.40
CA MSE A 116 3.55 -10.04 10.74
C MSE A 116 3.49 -8.59 11.17
O MSE A 116 3.36 -7.68 10.36
CB MSE A 116 4.47 -10.23 9.52
CG MSE A 116 5.95 -9.98 9.79
SE MSE A 116 6.64 -11.08 11.23
CE MSE A 116 6.35 -12.81 10.39
N ASN A 117 3.56 -8.40 12.49
CA ASN A 117 3.46 -7.10 13.11
C ASN A 117 4.78 -6.32 13.19
N TRP A 118 4.91 -5.29 12.37
CA TRP A 118 6.12 -4.45 12.39
C TRP A 118 5.75 -3.24 13.24
N GLU A 119 6.73 -2.44 13.62
CA GLU A 119 6.44 -1.25 14.41
C GLU A 119 6.09 -0.10 13.49
N TYR A 120 5.30 0.83 14.00
CA TYR A 120 4.88 2.01 13.26
C TYR A 120 5.21 3.23 14.12
N ASN A 121 5.75 4.28 13.50
CA ASN A 121 6.05 5.49 14.25
C ASN A 121 5.70 6.77 13.50
N ALA A 122 4.59 6.74 12.76
CA ALA A 122 4.10 7.89 12.01
C ALA A 122 5.16 8.51 11.09
N TRP A 123 5.68 7.68 10.19
CA TRP A 123 6.69 8.09 9.23
C TRP A 123 7.87 8.84 9.85
N GLY A 124 8.46 8.28 10.90
CA GLY A 124 9.60 8.91 11.53
C GLY A 124 9.24 9.92 12.61
N GLY A 125 8.09 9.72 13.25
CA GLY A 125 7.65 10.62 14.30
C GLY A 125 7.19 11.98 13.85
N LYS A 126 6.48 12.05 12.73
CA LYS A 126 5.99 13.32 12.21
C LYS A 126 4.58 13.61 12.71
N TYR A 127 3.91 12.59 13.23
CA TYR A 127 2.55 12.72 13.73
C TYR A 127 2.46 12.06 15.11
N GLU A 128 1.41 12.40 15.87
CA GLU A 128 1.21 11.84 17.19
C GLU A 128 -0.20 12.12 17.70
N PRO A 129 -0.79 11.17 18.44
CA PRO A 129 -0.17 9.89 18.81
C PRO A 129 -0.38 8.84 17.73
N TYR A 130 0.34 7.73 17.84
CA TYR A 130 0.21 6.66 16.86
C TYR A 130 0.13 5.28 17.53
N ASP A 131 -0.20 5.25 18.81
CA ASP A 131 -0.29 3.97 19.50
C ASP A 131 -1.42 3.08 19.00
N ASP A 132 -2.55 3.67 18.62
CA ASP A 132 -3.64 2.84 18.12
C ASP A 132 -3.29 2.30 16.73
N ASP A 133 -2.68 3.12 15.89
CA ASP A 133 -2.29 2.66 14.56
C ASP A 133 -1.33 1.48 14.71
N ASN A 134 -0.38 1.62 15.63
CA ASN A 134 0.61 0.59 15.88
C ASN A 134 -0.05 -0.70 16.39
N ALA A 135 -1.21 -0.58 17.01
CA ALA A 135 -1.93 -1.73 17.54
C ALA A 135 -2.91 -2.38 16.56
N VAL A 136 -3.14 -1.73 15.43
CA VAL A 136 -4.08 -2.28 14.44
C VAL A 136 -3.83 -3.75 14.08
N PRO A 137 -2.58 -4.12 13.75
CA PRO A 137 -2.33 -5.52 13.39
C PRO A 137 -2.78 -6.50 14.48
N GLU A 138 -2.56 -6.15 15.73
CA GLU A 138 -2.94 -7.03 16.84
C GLU A 138 -4.44 -7.14 17.00
N ARG A 139 -5.16 -6.03 16.82
CA ARG A 139 -6.61 -6.06 16.95
C ARG A 139 -7.22 -6.80 15.75
N VAL A 140 -6.58 -6.71 14.59
CA VAL A 140 -7.08 -7.42 13.41
C VAL A 140 -6.87 -8.91 13.66
N ALA A 141 -5.68 -9.28 14.12
CA ALA A 141 -5.37 -10.68 14.40
C ALA A 141 -6.37 -11.24 15.40
N LYS A 142 -6.71 -10.43 16.40
CA LYS A 142 -7.66 -10.84 17.42
C LYS A 142 -9.03 -11.08 16.79
N ALA A 143 -9.48 -10.11 15.98
CA ALA A 143 -10.78 -10.21 15.33
C ALA A 143 -10.90 -11.42 14.41
N GLN A 144 -9.83 -11.77 13.73
CA GLN A 144 -9.86 -12.91 12.81
C GLN A 144 -9.32 -14.21 13.40
N GLY A 145 -8.90 -14.14 14.66
CA GLY A 145 -8.38 -15.33 15.32
C GLY A 145 -7.10 -15.85 14.69
N LEU A 146 -6.23 -14.94 14.25
CA LEU A 146 -4.98 -15.33 13.62
C LEU A 146 -3.79 -15.08 14.53
N PRO A 147 -2.75 -15.92 14.42
CA PRO A 147 -1.56 -15.74 15.25
C PRO A 147 -0.83 -14.49 14.78
N MSE A 148 -0.12 -13.82 15.68
CA MSE A 148 0.64 -12.64 15.32
C MSE A 148 2.08 -12.80 15.76
O MSE A 148 2.35 -13.29 16.85
CB MSE A 148 0.05 -11.38 15.98
CG MSE A 148 0.85 -10.12 15.69
SE MSE A 148 0.16 -8.53 16.57
CE MSE A 148 0.91 -8.82 18.32
N VAL A 149 3.00 -12.39 14.89
CA VAL A 149 4.42 -12.44 15.20
C VAL A 149 4.89 -10.99 15.14
N SER A 150 5.67 -10.57 16.14
CA SER A 150 6.16 -9.19 16.18
C SER A 150 7.66 -9.13 15.90
N THR A 151 8.08 -8.17 15.07
CA THR A 151 9.48 -8.02 14.69
C THR A 151 10.26 -7.03 15.54
N GLY A 152 9.57 -6.03 16.06
CA GLY A 152 10.22 -5.02 16.87
C GLY A 152 10.93 -3.98 16.03
N MSE A 153 10.79 -4.08 14.71
CA MSE A 153 11.41 -3.15 13.77
C MSE A 153 10.35 -2.29 13.09
O MSE A 153 9.29 -2.78 12.73
CB MSE A 153 12.21 -3.93 12.71
CG MSE A 153 12.92 -3.06 11.69
SE MSE A 153 13.85 -4.08 10.31
CE MSE A 153 12.67 -3.67 8.82
N VAL A 154 10.66 -1.01 12.91
CA VAL A 154 9.73 -0.10 12.23
C VAL A 154 9.74 -0.37 10.74
N LEU A 155 8.56 -0.56 10.17
CA LEU A 155 8.43 -0.81 8.74
C LEU A 155 7.00 -0.51 8.30
N GLU A 156 6.88 0.27 7.23
CA GLU A 156 5.57 0.60 6.68
C GLU A 156 5.37 -0.25 5.42
N GLY A 157 4.16 -0.72 5.22
CA GLY A 157 3.88 -1.54 4.05
C GLY A 157 4.11 -0.78 2.75
N GLY A 158 3.93 0.54 2.80
CA GLY A 158 4.11 1.35 1.61
C GLY A 158 5.57 1.56 1.23
N ALA A 159 6.47 1.15 2.13
CA ALA A 159 7.90 1.31 1.89
C ALA A 159 8.53 0.10 1.21
N ILE A 160 7.75 -0.97 1.03
CA ILE A 160 8.24 -2.17 0.38
C ILE A 160 7.26 -2.65 -0.68
N ASP A 161 7.74 -3.46 -1.61
CA ASP A 161 6.90 -4.01 -2.67
C ASP A 161 7.55 -5.32 -3.12
N VAL A 162 6.81 -6.42 -3.03
CA VAL A 162 7.37 -7.73 -3.39
C VAL A 162 6.84 -8.31 -4.69
N ASN A 163 7.62 -9.19 -5.33
CA ASN A 163 7.20 -9.80 -6.58
C ASN A 163 6.56 -11.17 -6.32
N GLY A 164 6.52 -11.55 -5.05
CA GLY A 164 5.92 -12.83 -4.66
C GLY A 164 6.75 -14.06 -4.97
N ALA A 165 8.02 -13.85 -5.34
CA ALA A 165 8.88 -14.96 -5.66
C ALA A 165 10.30 -14.76 -5.14
N GLY A 166 10.46 -13.89 -4.14
CA GLY A 166 11.78 -13.69 -3.57
C GLY A 166 12.38 -12.30 -3.68
N LEU A 167 11.80 -11.44 -4.51
CA LEU A 167 12.30 -10.09 -4.65
C LEU A 167 11.50 -9.10 -3.83
N LEU A 168 12.18 -8.09 -3.33
CA LEU A 168 11.55 -7.03 -2.55
C LEU A 168 12.19 -5.72 -2.98
N LEU A 169 11.33 -4.80 -3.44
CA LEU A 169 11.76 -3.49 -3.90
C LEU A 169 11.52 -2.46 -2.80
N THR A 170 12.50 -1.60 -2.55
CA THR A 170 12.37 -0.58 -1.52
C THR A 170 13.23 0.63 -1.88
N THR A 171 13.35 1.59 -0.96
CA THR A 171 14.18 2.75 -1.23
C THR A 171 15.15 3.02 -0.10
N THR A 172 16.33 3.50 -0.45
CA THR A 172 17.34 3.84 0.55
C THR A 172 16.84 5.05 1.33
N ALA A 173 16.18 5.96 0.63
CA ALA A 173 15.67 7.17 1.26
C ALA A 173 14.79 6.88 2.47
N CYS A 174 13.98 5.83 2.39
CA CYS A 174 13.10 5.51 3.50
C CYS A 174 13.67 4.50 4.49
N LEU A 175 13.96 3.29 4.02
CA LEU A 175 14.48 2.25 4.90
C LEU A 175 15.84 2.50 5.53
N LEU A 176 16.58 3.48 5.02
CA LEU A 176 17.87 3.78 5.63
C LEU A 176 17.83 5.14 6.34
N ASN A 177 16.65 5.75 6.43
CA ASN A 177 16.54 7.03 7.12
C ASN A 177 16.68 6.76 8.61
N PRO A 178 17.58 7.48 9.29
CA PRO A 178 17.78 7.29 10.73
C PRO A 178 16.53 7.45 11.59
N ASN A 179 15.50 8.11 11.05
CA ASN A 179 14.29 8.32 11.84
C ASN A 179 13.39 7.09 11.94
N ARG A 180 13.76 6.01 11.27
CA ARG A 180 12.94 4.81 11.35
C ARG A 180 13.49 3.82 12.38
N ASN A 181 14.68 3.29 12.12
CA ASN A 181 15.33 2.35 13.03
C ASN A 181 16.74 2.84 13.32
N PRO A 182 16.87 3.85 14.20
CA PRO A 182 18.16 4.45 14.58
C PRO A 182 19.28 3.47 14.87
N SER A 183 18.98 2.40 15.61
CA SER A 183 20.01 1.43 15.98
C SER A 183 20.39 0.41 14.92
N LEU A 184 19.61 0.31 13.85
CA LEU A 184 19.88 -0.68 12.81
C LEU A 184 20.59 -0.16 11.56
N GLY A 185 21.38 -1.04 10.96
CA GLY A 185 22.09 -0.71 9.75
C GLY A 185 21.47 -1.49 8.59
N LYS A 186 21.98 -1.27 7.39
CA LYS A 186 21.46 -1.94 6.20
C LYS A 186 21.48 -3.47 6.29
N ALA A 187 22.58 -4.03 6.77
CA ALA A 187 22.68 -5.48 6.89
C ALA A 187 21.61 -6.06 7.81
N GLU A 188 21.43 -5.43 8.98
CA GLU A 188 20.44 -5.87 9.94
C GLU A 188 19.02 -5.77 9.39
N ILE A 189 18.75 -4.68 8.67
CA ILE A 189 17.43 -4.48 8.08
C ILE A 189 17.16 -5.58 7.05
N GLU A 190 18.12 -5.84 6.18
CA GLU A 190 17.91 -6.91 5.19
C GLU A 190 17.71 -8.24 5.89
N ALA A 191 18.46 -8.49 6.96
CA ALA A 191 18.33 -9.74 7.70
C ALA A 191 16.90 -9.91 8.19
N GLN A 192 16.32 -8.85 8.73
CA GLN A 192 14.94 -8.92 9.22
C GLN A 192 13.94 -9.14 8.10
N LEU A 193 14.19 -8.55 6.94
CA LEU A 193 13.28 -8.72 5.80
C LEU A 193 13.35 -10.16 5.32
N ARG A 194 14.56 -10.73 5.31
CA ARG A 194 14.70 -12.12 4.90
C ARG A 194 14.02 -13.03 5.91
N ARG A 195 14.28 -12.77 7.19
CA ARG A 195 13.73 -13.57 8.27
C ARG A 195 12.21 -13.58 8.37
N TYR A 196 11.62 -12.39 8.40
CA TYR A 196 10.17 -12.27 8.57
C TYR A 196 9.29 -12.23 7.32
N LEU A 197 9.88 -11.95 6.16
CA LEU A 197 9.11 -11.92 4.92
C LEU A 197 9.52 -13.06 3.99
N GLY A 198 10.63 -13.71 4.32
CA GLY A 198 11.10 -14.83 3.52
C GLY A 198 11.62 -14.47 2.15
N ILE A 199 12.01 -13.22 1.95
CA ILE A 199 12.52 -12.81 0.64
C ILE A 199 14.00 -13.20 0.50
N GLU A 200 14.49 -13.20 -0.73
CA GLU A 200 15.87 -13.58 -1.02
C GLU A 200 16.77 -12.46 -1.51
N LYS A 201 16.20 -11.48 -2.19
CA LYS A 201 16.97 -10.38 -2.72
C LYS A 201 16.26 -9.05 -2.53
N VAL A 202 16.97 -8.08 -1.96
CA VAL A 202 16.42 -6.76 -1.74
C VAL A 202 16.98 -5.82 -2.78
N LEU A 203 16.09 -5.14 -3.51
CA LEU A 203 16.48 -4.21 -4.55
C LEU A 203 16.31 -2.79 -4.01
N TRP A 204 17.42 -2.12 -3.78
CA TRP A 204 17.38 -0.77 -3.23
C TRP A 204 17.39 0.37 -4.23
N LEU A 205 16.25 1.05 -4.35
CA LEU A 205 16.15 2.21 -5.23
C LEU A 205 16.65 3.41 -4.42
N GLY A 206 16.66 4.59 -5.03
CA GLY A 206 17.17 5.76 -4.34
C GLY A 206 16.19 6.68 -3.64
N ASP A 207 16.06 7.89 -4.17
CA ASP A 207 15.17 8.90 -3.59
C ASP A 207 13.75 8.76 -4.12
N GLY A 208 12.81 9.39 -3.42
CA GLY A 208 11.41 9.35 -3.81
C GLY A 208 11.00 10.62 -4.52
N ILE A 209 9.70 10.91 -4.52
CA ILE A 209 9.17 12.11 -5.19
C ILE A 209 8.99 13.31 -4.27
N ALA A 210 8.70 14.45 -4.89
CA ALA A 210 8.52 15.71 -4.16
C ALA A 210 7.21 15.78 -3.36
N GLY A 211 7.26 16.53 -2.26
CA GLY A 211 6.10 16.70 -1.41
C GLY A 211 5.74 15.50 -0.55
N ASP A 212 6.60 14.48 -0.62
CA ASP A 212 6.39 13.24 0.11
C ASP A 212 6.88 13.30 1.56
N ASP A 213 5.95 13.08 2.51
CA ASP A 213 6.28 13.12 3.93
C ASP A 213 6.70 11.77 4.50
N THR A 214 6.76 10.74 3.65
CA THR A 214 7.15 9.41 4.10
C THR A 214 8.65 9.17 3.93
N ASP A 215 9.35 10.20 3.44
CA ASP A 215 10.78 10.11 3.22
C ASP A 215 11.15 9.13 2.10
N GLY A 216 10.34 9.14 1.04
CA GLY A 216 10.62 8.29 -0.11
C GLY A 216 9.96 6.94 -0.26
N HIS A 217 8.70 6.80 0.12
CA HIS A 217 8.03 5.50 -0.03
C HIS A 217 8.09 5.02 -1.47
N VAL A 218 8.44 3.75 -1.64
CA VAL A 218 8.55 3.16 -2.97
C VAL A 218 7.18 3.13 -3.64
N ASP A 219 6.11 2.98 -2.86
CA ASP A 219 4.79 2.90 -3.46
C ASP A 219 4.25 4.20 -4.08
N ASP A 220 5.11 5.21 -4.18
CA ASP A 220 4.72 6.46 -4.83
C ASP A 220 5.58 6.57 -6.08
N MSE A 221 6.31 5.50 -6.38
CA MSE A 221 7.23 5.53 -7.52
C MSE A 221 7.37 4.26 -8.39
O MSE A 221 7.25 4.32 -9.60
CB MSE A 221 8.60 5.93 -6.98
CG MSE A 221 9.72 6.02 -7.99
SE MSE A 221 11.27 6.79 -7.13
CE MSE A 221 11.59 5.42 -5.82
N ALA A 222 7.64 3.12 -7.74
CA ALA A 222 7.83 1.87 -8.47
C ALA A 222 7.05 0.73 -7.83
N ARG A 223 6.51 -0.15 -8.67
CA ARG A 223 5.70 -1.28 -8.20
C ARG A 223 5.84 -2.53 -9.08
N PHE A 224 5.87 -3.70 -8.46
CA PHE A 224 5.90 -4.93 -9.23
C PHE A 224 4.49 -5.12 -9.78
N VAL A 225 4.36 -5.55 -11.03
CA VAL A 225 3.03 -5.80 -11.61
C VAL A 225 2.90 -7.29 -11.90
N ASN A 226 4.05 -7.96 -11.99
CA ASN A 226 4.12 -9.40 -12.16
C ASN A 226 5.51 -9.84 -11.72
N GLU A 227 5.74 -11.16 -11.73
CA GLU A 227 6.99 -11.74 -11.27
C GLU A 227 8.28 -11.09 -11.76
N ASN A 228 8.31 -10.63 -13.01
CA ASN A 228 9.52 -10.01 -13.52
C ASN A 228 9.33 -8.64 -14.17
N THR A 229 8.24 -7.95 -13.79
CA THR A 229 7.98 -6.64 -14.37
C THR A 229 7.71 -5.57 -13.33
N VAL A 230 8.42 -4.45 -13.46
CA VAL A 230 8.27 -3.33 -12.54
C VAL A 230 7.78 -2.10 -13.31
N VAL A 231 6.76 -1.45 -12.79
CA VAL A 231 6.27 -0.24 -13.41
C VAL A 231 6.87 0.90 -12.60
N ILE A 232 7.38 1.92 -13.28
CA ILE A 232 7.97 3.02 -12.57
C ILE A 232 7.56 4.35 -13.19
N ALA A 233 7.20 5.30 -12.33
CA ALA A 233 6.79 6.61 -12.78
C ALA A 233 7.99 7.33 -13.35
N VAL A 234 7.81 7.97 -14.49
CA VAL A 234 8.89 8.70 -15.13
C VAL A 234 8.40 10.07 -15.56
N GLU A 235 9.08 11.11 -15.10
CA GLU A 235 8.72 12.48 -15.44
C GLU A 235 9.47 12.86 -16.72
N GLU A 236 8.78 13.49 -17.66
CA GLU A 236 9.43 13.87 -18.91
C GLU A 236 9.79 15.34 -18.99
N ASP A 237 9.37 16.13 -18.00
CA ASP A 237 9.69 17.55 -17.98
C ASP A 237 11.03 17.73 -17.26
N PRO A 238 12.09 18.06 -18.02
CA PRO A 238 13.43 18.26 -17.43
C PRO A 238 13.48 19.30 -16.31
N GLU A 239 12.52 20.23 -16.31
CA GLU A 239 12.49 21.28 -15.31
C GLU A 239 11.74 20.92 -14.02
N ASP A 240 11.01 19.81 -14.06
CA ASP A 240 10.25 19.36 -12.91
C ASP A 240 11.17 18.77 -11.84
N GLU A 241 10.83 19.01 -10.58
CA GLU A 241 11.63 18.51 -9.45
C GLU A 241 11.81 16.99 -9.41
N ASN A 242 10.85 16.24 -9.95
CA ASN A 242 10.94 14.79 -9.92
C ASN A 242 11.73 14.20 -11.10
N TYR A 243 12.08 15.04 -12.06
CA TYR A 243 12.80 14.56 -13.23
C TYR A 243 14.05 13.76 -12.89
N LYS A 244 14.98 14.39 -12.16
CA LYS A 244 16.23 13.74 -11.79
C LYS A 244 16.05 12.45 -10.97
N PRO A 245 15.33 12.51 -9.84
CA PRO A 245 15.11 11.34 -8.99
C PRO A 245 14.51 10.14 -9.74
N LEU A 246 13.50 10.41 -10.56
CA LEU A 246 12.87 9.33 -11.30
C LEU A 246 13.79 8.78 -12.40
N ARG A 247 14.60 9.64 -13.00
CA ARG A 247 15.51 9.23 -14.03
C ARG A 247 16.58 8.30 -13.47
N GLU A 248 17.13 8.67 -12.32
CA GLU A 248 18.16 7.86 -11.67
C GLU A 248 17.61 6.49 -11.32
N ASN A 249 16.38 6.44 -10.82
CA ASN A 249 15.80 5.16 -10.46
C ASN A 249 15.41 4.31 -11.65
N TYR A 250 15.01 4.96 -12.74
CA TYR A 250 14.64 4.23 -13.95
C TYR A 250 15.91 3.56 -14.50
N GLU A 251 16.98 4.33 -14.60
CA GLU A 251 18.23 3.77 -15.11
C GLU A 251 18.74 2.68 -14.19
N LEU A 252 18.55 2.85 -12.89
CA LEU A 252 18.98 1.83 -11.94
C LEU A 252 18.21 0.55 -12.17
N LEU A 253 16.89 0.67 -12.32
CA LEU A 253 16.05 -0.51 -12.57
C LEU A 253 16.47 -1.24 -13.84
N LYS A 254 16.96 -0.51 -14.82
CA LYS A 254 17.37 -1.12 -16.08
C LYS A 254 18.65 -1.96 -15.94
N THR A 255 19.26 -1.93 -14.76
CA THR A 255 20.46 -2.71 -14.50
C THR A 255 20.19 -3.80 -13.48
N MSE A 256 18.99 -3.79 -12.89
CA MSE A 256 18.62 -4.78 -11.88
C MSE A 256 18.10 -6.07 -12.50
O MSE A 256 17.47 -6.05 -13.57
CB MSE A 256 17.58 -4.20 -10.93
CG MSE A 256 18.09 -3.02 -10.12
SE MSE A 256 16.73 -2.24 -9.02
CE MSE A 256 17.82 -1.81 -7.48
N THR A 257 18.36 -7.18 -11.84
CA THR A 257 17.93 -8.48 -12.35
C THR A 257 17.18 -9.31 -11.32
N GLY A 258 16.52 -10.35 -11.80
CA GLY A 258 15.80 -11.24 -10.91
C GLY A 258 16.77 -12.25 -10.36
N LEU A 259 16.26 -13.24 -9.63
CA LEU A 259 17.13 -14.26 -9.04
C LEU A 259 17.87 -15.03 -10.14
N ASP A 260 17.26 -15.12 -11.32
CA ASP A 260 17.85 -15.84 -12.45
C ASP A 260 18.91 -15.02 -13.18
N GLY A 261 19.18 -13.81 -12.69
CA GLY A 261 20.17 -12.96 -13.30
C GLY A 261 19.69 -12.33 -14.60
N LYS A 262 18.39 -12.49 -14.90
CA LYS A 262 17.81 -11.92 -16.11
C LYS A 262 17.29 -10.51 -15.85
N PRO A 263 17.46 -9.60 -16.82
CA PRO A 263 16.98 -8.23 -16.61
C PRO A 263 15.47 -8.15 -16.39
N LEU A 264 15.07 -7.33 -15.42
CA LEU A 264 13.65 -7.15 -15.14
C LEU A 264 13.05 -6.31 -16.26
N ASN A 265 11.77 -6.54 -16.55
CA ASN A 265 11.07 -5.77 -17.57
C ASN A 265 10.63 -4.48 -16.89
N ILE A 266 10.92 -3.35 -17.51
CA ILE A 266 10.58 -2.05 -16.93
C ILE A 266 9.53 -1.33 -17.77
N VAL A 267 8.37 -1.07 -17.18
CA VAL A 267 7.29 -0.37 -17.86
C VAL A 267 7.20 1.05 -17.31
N LYS A 268 7.24 2.04 -18.19
CA LYS A 268 7.16 3.42 -17.75
C LYS A 268 5.73 3.88 -17.52
N LEU A 269 5.54 4.65 -16.46
CA LEU A 269 4.23 5.21 -16.12
C LEU A 269 4.42 6.71 -16.07
N PRO A 270 3.39 7.47 -16.46
CA PRO A 270 3.55 8.92 -16.41
C PRO A 270 3.41 9.39 -14.96
N MSE A 271 3.74 10.64 -14.71
CA MSE A 271 3.58 11.24 -13.39
C MSE A 271 2.42 12.18 -13.59
O MSE A 271 2.22 12.71 -14.68
CB MSE A 271 4.81 12.04 -12.98
CG MSE A 271 5.91 11.25 -12.30
SE MSE A 271 5.41 10.56 -10.57
CE MSE A 271 5.45 12.24 -9.61
N PRO A 272 1.60 12.40 -12.55
CA PRO A 272 0.47 13.32 -12.70
C PRO A 272 1.02 14.73 -12.93
N GLU A 273 0.23 15.60 -13.54
CA GLU A 273 0.69 16.97 -13.72
C GLU A 273 0.77 17.48 -12.29
N PRO A 274 1.69 18.41 -12.01
CA PRO A 274 1.86 18.97 -10.66
C PRO A 274 0.57 19.30 -9.92
N VAL A 275 0.48 18.84 -8.67
CA VAL A 275 -0.67 19.08 -7.82
C VAL A 275 -0.22 19.87 -6.58
N TYR A 276 -0.90 20.99 -6.35
CA TYR A 276 -0.59 21.88 -5.23
C TYR A 276 -1.83 22.22 -4.41
N TYR A 277 -1.61 22.64 -3.18
CA TYR A 277 -2.66 23.10 -2.27
C TYR A 277 -1.95 23.89 -1.18
N ASP A 278 -2.50 25.04 -0.82
CA ASP A 278 -1.91 25.91 0.19
C ASP A 278 -0.47 26.27 -0.22
N GLY A 279 -0.23 26.28 -1.53
CA GLY A 279 1.08 26.61 -2.05
C GLY A 279 2.14 25.55 -1.83
N GLU A 280 1.70 24.33 -1.51
CA GLU A 280 2.62 23.23 -1.27
C GLU A 280 2.46 22.11 -2.29
N ARG A 281 3.58 21.57 -2.74
CA ARG A 281 3.58 20.49 -3.72
C ARG A 281 3.10 19.23 -3.00
N LEU A 282 2.15 18.52 -3.60
CA LEU A 282 1.60 17.29 -3.04
C LEU A 282 2.19 16.09 -3.78
N PRO A 283 2.40 14.96 -3.08
CA PRO A 283 2.97 13.74 -3.66
C PRO A 283 2.03 12.89 -4.52
N ALA A 284 1.40 13.53 -5.50
CA ALA A 284 0.47 12.83 -6.40
C ALA A 284 1.24 11.87 -7.29
N SER A 285 0.79 10.63 -7.36
CA SER A 285 1.46 9.63 -8.18
C SER A 285 0.55 8.46 -8.56
N TYR A 286 0.57 8.10 -9.84
CA TYR A 286 -0.23 6.99 -10.32
C TYR A 286 0.30 5.66 -9.83
N ALA A 287 1.54 5.64 -9.33
CA ALA A 287 2.10 4.39 -8.83
C ALA A 287 1.42 3.97 -7.53
N ASN A 288 0.68 4.90 -6.92
CA ASN A 288 0.01 4.60 -5.67
C ASN A 288 -1.37 3.99 -5.94
N PHE A 289 -1.39 3.00 -6.83
CA PHE A 289 -2.61 2.29 -7.19
C PHE A 289 -2.73 1.04 -6.33
N TYR A 290 -3.91 0.43 -6.32
CA TYR A 290 -4.11 -0.78 -5.53
C TYR A 290 -4.67 -1.89 -6.41
N ILE A 291 -4.07 -3.07 -6.32
CA ILE A 291 -4.52 -4.22 -7.10
C ILE A 291 -5.51 -5.01 -6.27
N ALA A 292 -6.75 -5.14 -6.76
CA ALA A 292 -7.79 -5.92 -6.07
C ALA A 292 -8.03 -7.16 -6.91
N ASN A 293 -8.94 -8.04 -6.49
CA ASN A 293 -9.20 -9.25 -7.24
C ASN A 293 -9.72 -9.03 -8.66
N THR A 294 -10.73 -8.20 -8.82
CA THR A 294 -11.31 -7.97 -10.14
C THR A 294 -11.05 -6.58 -10.72
N VAL A 295 -10.44 -5.71 -9.93
CA VAL A 295 -10.19 -4.36 -10.40
C VAL A 295 -8.88 -3.80 -9.87
N VAL A 296 -8.38 -2.78 -10.57
CA VAL A 296 -7.17 -2.09 -10.15
C VAL A 296 -7.66 -0.66 -9.99
N LEU A 297 -7.46 -0.10 -8.81
CA LEU A 297 -7.92 1.25 -8.52
C LEU A 297 -6.74 2.22 -8.60
N VAL A 298 -6.83 3.16 -9.52
CA VAL A 298 -5.77 4.13 -9.74
C VAL A 298 -6.17 5.54 -9.33
N PRO A 299 -5.32 6.22 -8.57
CA PRO A 299 -5.67 7.58 -8.17
C PRO A 299 -5.53 8.51 -9.38
N THR A 300 -6.49 9.41 -9.57
CA THR A 300 -6.42 10.35 -10.68
C THR A 300 -6.40 11.77 -10.16
N TYR A 301 -5.81 12.67 -10.96
CA TYR A 301 -5.67 14.06 -10.54
C TYR A 301 -6.12 15.12 -11.54
N ARG A 302 -7.30 14.90 -12.11
CA ARG A 302 -7.91 15.83 -13.04
C ARG A 302 -6.97 16.41 -14.10
N CYS A 303 -6.33 15.54 -14.87
CA CYS A 303 -5.44 16.00 -15.93
C CYS A 303 -5.42 14.96 -17.04
N PRO A 304 -4.91 15.34 -18.23
CA PRO A 304 -4.86 14.42 -19.36
C PRO A 304 -3.97 13.19 -19.18
N ARG A 305 -3.13 13.19 -18.16
CA ARG A 305 -2.27 12.04 -17.94
C ARG A 305 -3.00 10.92 -17.21
N ASP A 306 -4.18 11.21 -16.65
CA ASP A 306 -4.95 10.19 -15.93
C ASP A 306 -5.27 8.99 -16.82
N GLN A 307 -5.86 9.26 -17.99
CA GLN A 307 -6.22 8.18 -18.90
C GLN A 307 -5.01 7.42 -19.40
N GLN A 308 -3.87 8.11 -19.53
CA GLN A 308 -2.65 7.46 -19.99
C GLN A 308 -2.18 6.44 -18.96
N ALA A 309 -2.21 6.81 -17.68
CA ALA A 309 -1.80 5.91 -16.63
C ALA A 309 -2.75 4.71 -16.54
N ILE A 310 -4.04 4.98 -16.67
CA ILE A 310 -5.03 3.92 -16.63
C ILE A 310 -4.83 2.91 -17.76
N ASP A 311 -4.61 3.41 -18.97
CA ASP A 311 -4.41 2.52 -20.12
C ASP A 311 -3.17 1.65 -19.95
N ILE A 312 -2.09 2.24 -19.43
CA ILE A 312 -0.87 1.48 -19.22
C ILE A 312 -1.10 0.38 -18.18
N LEU A 313 -1.76 0.73 -17.09
CA LEU A 313 -2.04 -0.25 -16.05
C LEU A 313 -3.03 -1.31 -16.55
N GLN A 314 -3.93 -0.93 -17.46
CA GLN A 314 -4.89 -1.88 -18.00
C GLN A 314 -4.11 -2.91 -18.83
N GLN A 315 -3.03 -2.47 -19.46
CA GLN A 315 -2.18 -3.37 -20.25
C GLN A 315 -1.46 -4.35 -19.32
N CYS A 316 -1.05 -3.86 -18.15
CA CYS A 316 -0.36 -4.69 -17.17
C CYS A 316 -1.28 -5.71 -16.49
N PHE A 317 -2.56 -5.37 -16.39
CA PHE A 317 -3.55 -6.25 -15.77
C PHE A 317 -4.74 -6.42 -16.70
N PRO A 318 -4.55 -7.14 -17.81
CA PRO A 318 -5.61 -7.37 -18.80
C PRO A 318 -6.84 -8.13 -18.31
N LYS A 319 -6.68 -8.89 -17.23
CA LYS A 319 -7.78 -9.68 -16.69
C LYS A 319 -8.62 -8.92 -15.66
N ARG A 320 -8.23 -7.69 -15.37
CA ARG A 320 -8.94 -6.87 -14.39
C ARG A 320 -9.49 -5.58 -15.01
N GLU A 321 -10.41 -4.92 -14.31
CA GLU A 321 -10.93 -3.65 -14.81
C GLU A 321 -10.20 -2.53 -14.09
N VAL A 322 -9.47 -1.70 -14.84
CA VAL A 322 -8.74 -0.59 -14.24
C VAL A 322 -9.66 0.62 -14.11
N VAL A 323 -9.92 1.01 -12.87
CA VAL A 323 -10.82 2.12 -12.57
C VAL A 323 -10.14 3.28 -11.84
N GLY A 324 -10.40 4.50 -12.30
CA GLY A 324 -9.81 5.65 -11.67
C GLY A 324 -10.69 6.20 -10.55
N ILE A 325 -10.05 6.77 -9.54
CA ILE A 325 -10.75 7.37 -8.41
C ILE A 325 -10.08 8.72 -8.20
N ASP A 326 -10.84 9.81 -8.32
CA ASP A 326 -10.29 11.14 -8.15
C ASP A 326 -9.75 11.33 -6.75
N CYS A 327 -8.45 11.57 -6.65
CA CYS A 327 -7.79 11.75 -5.36
C CYS A 327 -7.28 13.17 -5.17
N SER A 328 -7.87 14.11 -5.91
CA SER A 328 -7.47 15.51 -5.82
C SER A 328 -7.53 16.03 -4.39
N ASP A 329 -8.52 15.56 -3.63
CA ASP A 329 -8.65 15.98 -2.24
C ASP A 329 -7.98 15.01 -1.29
N LEU A 330 -8.04 13.72 -1.60
CA LEU A 330 -7.42 12.73 -0.74
C LEU A 330 -5.93 12.98 -0.58
N ILE A 331 -5.26 13.32 -1.69
CA ILE A 331 -3.83 13.55 -1.70
C ILE A 331 -3.32 14.65 -0.76
N TRP A 332 -4.24 15.49 -0.27
CA TRP A 332 -3.86 16.55 0.67
C TRP A 332 -3.41 15.86 1.96
N GLY A 333 -3.80 14.60 2.11
CA GLY A 333 -3.40 13.82 3.27
C GLY A 333 -2.00 13.27 3.09
N LEU A 334 -1.45 13.49 1.90
CA LEU A 334 -0.10 13.09 1.51
C LEU A 334 0.05 11.59 1.19
N GLY A 335 -1.08 10.98 0.83
CA GLY A 335 -1.11 9.57 0.46
C GLY A 335 -2.38 9.35 -0.35
N ALA A 336 -2.42 8.27 -1.13
CA ALA A 336 -3.59 8.00 -1.96
C ALA A 336 -4.15 6.57 -1.79
N ILE A 337 -4.70 6.01 -2.86
CA ILE A 337 -5.31 4.67 -2.79
C ILE A 337 -4.46 3.57 -2.19
N HIS A 338 -3.22 3.41 -2.65
CA HIS A 338 -2.38 2.35 -2.09
C HIS A 338 -2.11 2.58 -0.60
N CYS A 339 -1.94 3.84 -0.22
CA CYS A 339 -1.66 4.19 1.16
C CYS A 339 -2.80 3.90 2.13
N VAL A 340 -4.04 3.96 1.66
CA VAL A 340 -5.17 3.73 2.55
C VAL A 340 -5.72 2.30 2.53
N THR A 341 -5.05 1.41 1.81
CA THR A 341 -5.50 0.03 1.71
C THR A 341 -4.46 -0.97 2.14
N HIS A 342 -4.91 -2.20 2.41
CA HIS A 342 -4.01 -3.29 2.69
C HIS A 342 -4.76 -4.56 2.42
N GLU A 343 -4.24 -5.33 1.48
CA GLU A 343 -4.87 -6.58 1.12
C GLU A 343 -4.72 -7.63 2.19
N GLU A 344 -5.62 -8.60 2.14
CA GLU A 344 -5.57 -9.75 3.02
C GLU A 344 -5.52 -10.90 2.03
N PRO A 345 -4.35 -11.52 1.84
CA PRO A 345 -4.28 -12.63 0.90
C PRO A 345 -5.11 -13.83 1.37
N ALA A 346 -5.64 -14.59 0.41
CA ALA A 346 -6.43 -15.78 0.72
C ALA A 346 -5.55 -17.02 0.67
N MSE A 347 -5.34 -17.68 1.80
CA MSE A 347 -4.50 -18.87 1.81
C MSE A 347 -5.34 -20.13 1.64
O MSE A 347 -6.22 -20.42 2.45
CB MSE A 347 -3.71 -18.98 3.11
CG MSE A 347 -2.75 -20.17 3.12
SE MSE A 347 -2.21 -20.69 4.90
CE MSE A 347 -3.81 -21.65 5.41
N LEU A 348 -5.04 -20.89 0.59
CA LEU A 348 -5.75 -22.14 0.35
C LEU A 348 -5.23 -23.15 1.38
N GLU A 349 -6.14 -23.74 2.14
CA GLU A 349 -5.81 -24.70 3.18
C GLU A 349 -5.23 -26.02 2.68
N HIS A 350 -5.61 -26.43 1.47
CA HIS A 350 -5.12 -27.68 0.91
C HIS A 350 -4.01 -27.41 -0.10
N HIS A 351 -2.79 -27.30 0.41
CA HIS A 351 -1.60 -27.01 -0.39
C HIS A 351 -1.29 -28.04 -1.47
N HIS A 352 -1.53 -29.31 -1.19
CA HIS A 352 -1.26 -30.36 -2.17
C HIS A 352 -2.20 -30.25 -3.37
N HIS A 353 -3.36 -29.64 -3.14
CA HIS A 353 -4.35 -29.46 -4.20
C HIS A 353 -4.06 -28.22 -5.01
N HIS A 354 -3.39 -27.24 -4.40
CA HIS A 354 -3.05 -26.00 -5.08
C HIS A 354 -1.62 -25.59 -4.76
NA NA B . 2.56 -2.45 14.87
CL CL C . -4.75 -9.18 -14.52
#